data_3A9F
#
_entry.id   3A9F
#
_cell.length_a   74.619
_cell.length_b   74.619
_cell.length_c   111.211
_cell.angle_alpha   90.00
_cell.angle_beta   90.00
_cell.angle_gamma   90.00
#
_symmetry.space_group_name_H-M   'I 41'
#
loop_
_entity.id
_entity.type
_entity.pdbx_description
1 polymer 'Cytochrome c'
2 non-polymer 'HEME C'
3 non-polymer 'SODIUM ION'
4 non-polymer 'SULFATE ION'
5 non-polymer 3,6,9,12,15,18-HEXAOXAICOSANE-1,20-DIOL
6 non-polymer 'TRIETHYLENE GLYCOL'
7 non-polymer 'TETRAETHYLENE GLYCOL'
8 water water
#
_entity_poly.entity_id   1
_entity_poly.type   'polypeptide(L)'
_entity_poly.pdbx_seq_one_letter_code
;AMAELKEFLNKPAATSDVPPAPAGFDFDAAKKLVDVRCNKCHTLDSVADLFRTKYKKTGQVNLIVKRMQGFPGSGISDDD
AKTIGIWLHEKF
;
_entity_poly.pdbx_strand_id   A,B
#
# COMPACT_ATOMS: atom_id res chain seq x y z
N THR A 15 -25.82 -11.96 3.46
CA THR A 15 -24.62 -12.07 4.35
C THR A 15 -23.44 -11.36 3.68
N SER A 16 -22.36 -11.18 4.44
CA SER A 16 -21.19 -10.47 3.92
C SER A 16 -20.33 -11.36 3.02
N ASP A 17 -19.90 -10.80 1.88
CA ASP A 17 -18.94 -11.50 1.04
C ASP A 17 -17.49 -11.31 1.51
N VAL A 18 -17.32 -10.63 2.65
CA VAL A 18 -16.00 -10.47 3.30
C VAL A 18 -16.12 -11.10 4.70
N PRO A 19 -15.37 -12.18 4.95
CA PRO A 19 -15.44 -12.83 6.26
C PRO A 19 -14.74 -12.02 7.35
N PRO A 20 -14.94 -12.42 8.62
CA PRO A 20 -14.33 -11.68 9.72
C PRO A 20 -12.80 -11.66 9.60
N ALA A 21 -12.20 -10.54 10.00
CA ALA A 21 -10.76 -10.36 9.99
C ALA A 21 -10.06 -11.44 10.80
N PRO A 22 -8.82 -11.79 10.43
CA PRO A 22 -8.03 -12.68 11.30
C PRO A 22 -7.86 -12.03 12.68
N ALA A 23 -7.87 -12.87 13.71
CA ALA A 23 -7.64 -12.36 15.06
C ALA A 23 -6.31 -11.62 15.07
N GLY A 24 -6.33 -10.41 15.58
CA GLY A 24 -5.11 -9.61 15.63
C GLY A 24 -4.80 -8.81 14.37
N PHE A 25 -5.73 -8.78 13.41
CA PHE A 25 -5.57 -8.01 12.17
C PHE A 25 -5.15 -6.58 12.47
N ASP A 26 -4.19 -6.08 11.68
CA ASP A 26 -3.69 -4.72 11.85
C ASP A 26 -4.55 -3.78 11.02
N PHE A 27 -5.57 -3.23 11.68
CA PHE A 27 -6.48 -2.32 11.00
C PHE A 27 -5.82 -1.00 10.61
N ASP A 28 -4.83 -0.57 11.36
CA ASP A 28 -4.14 0.70 11.06
C ASP A 28 -3.39 0.59 9.75
N ALA A 29 -2.68 -0.51 9.56
CA ALA A 29 -1.94 -0.77 8.33
C ALA A 29 -2.93 -0.95 7.18
N ALA A 30 -4.06 -1.60 7.44
CA ALA A 30 -5.06 -1.81 6.41
C ALA A 30 -5.63 -0.48 5.92
N LYS A 31 -5.88 0.45 6.83
CA LYS A 31 -6.39 1.76 6.45
C LYS A 31 -5.41 2.48 5.54
N LYS A 32 -4.11 2.35 5.83
CA LYS A 32 -3.10 2.97 4.99
C LYS A 32 -3.15 2.41 3.59
N LEU A 33 -3.33 1.10 3.45
CA LEU A 33 -3.42 0.48 2.14
C LEU A 33 -4.68 0.90 1.37
N VAL A 34 -5.81 1.02 2.07
CA VAL A 34 -7.03 1.57 1.47
C VAL A 34 -6.76 2.98 0.95
N ASP A 35 -6.07 3.78 1.76
CA ASP A 35 -5.80 5.17 1.38
C ASP A 35 -4.95 5.22 0.11
N VAL A 36 -3.95 4.34 0.02
CA VAL A 36 -3.09 4.29 -1.16
C VAL A 36 -3.85 3.79 -2.40
N ARG A 37 -4.59 2.69 -2.26
CA ARG A 37 -5.15 2.04 -3.44
C ARG A 37 -6.45 2.66 -3.92
N CYS A 38 -7.22 3.27 -3.03
CA CYS A 38 -8.57 3.71 -3.38
C CYS A 38 -8.71 5.21 -3.55
N ASN A 39 -7.57 5.89 -3.72
CA ASN A 39 -7.57 7.33 -4.04
C ASN A 39 -6.77 7.69 -5.27
N LYS A 40 -6.46 6.69 -6.10
CA LYS A 40 -5.62 6.93 -7.28
C LYS A 40 -6.42 7.45 -8.46
N CYS A 41 -7.56 6.83 -8.75
CA CYS A 41 -8.35 7.21 -9.94
C CYS A 41 -9.46 8.18 -9.63
N HIS A 42 -9.91 8.14 -8.39
CA HIS A 42 -10.94 9.02 -7.84
C HIS A 42 -10.72 9.00 -6.34
N THR A 43 -11.15 10.04 -5.66
CA THR A 43 -11.10 9.97 -4.21
C THR A 43 -12.10 8.94 -3.69
N LEU A 44 -11.74 8.30 -2.58
CA LEU A 44 -12.70 7.43 -1.94
C LEU A 44 -13.88 8.27 -1.44
N ASP A 45 -13.60 9.49 -0.96
CA ASP A 45 -14.66 10.40 -0.53
C ASP A 45 -15.76 10.57 -1.58
N SER A 46 -15.36 10.66 -2.85
CA SER A 46 -16.33 10.97 -3.91
C SER A 46 -17.34 9.84 -4.17
N VAL A 47 -17.04 8.65 -3.65
CA VAL A 47 -17.91 7.49 -3.83
C VAL A 47 -18.33 6.87 -2.49
N ALA A 48 -18.04 7.57 -1.40
CA ALA A 48 -18.21 7.01 -0.04
C ALA A 48 -19.65 6.70 0.30
N ASP A 49 -20.54 7.66 0.03
CA ASP A 49 -21.96 7.46 0.35
C ASP A 49 -22.54 6.31 -0.44
N LEU A 50 -22.24 6.29 -1.73
CA LEU A 50 -22.64 5.22 -2.63
C LEU A 50 -22.04 3.90 -2.15
N PHE A 51 -20.77 3.91 -1.80
CA PHE A 51 -20.15 2.69 -1.30
C PHE A 51 -20.92 2.11 -0.13
N ARG A 52 -21.25 2.96 0.84
CA ARG A 52 -21.93 2.50 2.06
C ARG A 52 -23.30 1.93 1.76
N THR A 53 -24.08 2.63 0.94
CA THR A 53 -25.47 2.23 0.69
C THR A 53 -25.57 1.07 -0.29
N LYS A 54 -24.77 1.09 -1.35
CA LYS A 54 -24.90 0.11 -2.42
C LYS A 54 -24.11 -1.17 -2.18
N TYR A 55 -22.98 -1.07 -1.48
CA TYR A 55 -22.09 -2.22 -1.34
C TYR A 55 -21.93 -2.68 0.10
N LYS A 56 -21.60 -1.78 1.01
CA LYS A 56 -21.42 -2.19 2.40
C LYS A 56 -22.71 -2.69 3.04
N LYS A 57 -23.80 -1.93 2.88
CA LYS A 57 -25.08 -2.32 3.49
C LYS A 57 -25.63 -3.62 2.93
N THR A 58 -25.26 -3.96 1.70
CA THR A 58 -25.76 -5.14 1.00
C THR A 58 -24.81 -6.34 1.10
N GLY A 59 -23.72 -6.19 1.82
CA GLY A 59 -22.73 -7.26 1.99
C GLY A 59 -21.97 -7.61 0.72
N GLN A 60 -21.73 -6.60 -0.11
CA GLN A 60 -21.07 -6.79 -1.39
C GLN A 60 -19.78 -5.96 -1.51
N VAL A 61 -19.05 -5.85 -0.40
CA VAL A 61 -17.77 -5.13 -0.40
C VAL A 61 -16.76 -5.80 -1.32
N ASN A 62 -16.61 -7.13 -1.22
CA ASN A 62 -15.64 -7.80 -2.08
C ASN A 62 -15.98 -7.65 -3.55
N LEU A 63 -17.28 -7.68 -3.88
CA LEU A 63 -17.73 -7.46 -5.25
C LEU A 63 -17.11 -6.19 -5.83
N ILE A 64 -17.28 -5.08 -5.13
CA ILE A 64 -16.81 -3.82 -5.69
C ILE A 64 -15.27 -3.72 -5.67
N VAL A 65 -14.62 -4.24 -4.63
CA VAL A 65 -13.16 -4.17 -4.55
C VAL A 65 -12.55 -4.97 -5.71
N LYS A 66 -13.12 -6.14 -5.99
CA LYS A 66 -12.62 -6.97 -7.08
C LYS A 66 -12.89 -6.33 -8.46
N ARG A 67 -14.00 -5.60 -8.59
CA ARG A 67 -14.27 -4.87 -9.82
CA ARG A 67 -14.27 -4.86 -9.82
C ARG A 67 -13.19 -3.81 -10.03
N MET A 68 -12.89 -3.03 -8.99
CA MET A 68 -11.83 -2.03 -9.09
C MET A 68 -10.48 -2.68 -9.41
N GLN A 69 -10.19 -3.79 -8.76
CA GLN A 69 -8.95 -4.49 -9.03
C GLN A 69 -8.79 -4.83 -10.50
N GLY A 70 -9.88 -5.26 -11.13
CA GLY A 70 -9.82 -5.67 -12.52
C GLY A 70 -9.64 -4.54 -13.52
N PHE A 71 -9.83 -3.29 -13.09
CA PHE A 71 -9.63 -2.16 -14.02
C PHE A 71 -8.14 -1.99 -14.35
N PRO A 72 -7.83 -1.60 -15.60
CA PRO A 72 -6.42 -1.38 -15.95
C PRO A 72 -5.76 -0.33 -15.06
N GLY A 73 -4.55 -0.63 -14.61
CA GLY A 73 -3.77 0.31 -13.81
C GLY A 73 -4.17 0.39 -12.36
N SER A 74 -5.03 -0.52 -11.89
CA SER A 74 -5.49 -0.45 -10.50
C SER A 74 -4.34 -0.65 -9.50
N GLY A 75 -3.35 -1.45 -9.89
CA GLY A 75 -2.22 -1.77 -9.01
C GLY A 75 -2.66 -2.51 -7.75
N ILE A 76 -3.84 -3.14 -7.76
CA ILE A 76 -4.36 -3.88 -6.60
C ILE A 76 -4.05 -5.37 -6.75
N SER A 77 -3.26 -5.90 -5.83
CA SER A 77 -2.99 -7.34 -5.85
C SER A 77 -4.13 -8.11 -5.18
N ASP A 78 -4.14 -9.44 -5.32
CA ASP A 78 -5.13 -10.23 -4.60
C ASP A 78 -5.04 -10.03 -3.10
N ASP A 79 -3.82 -9.95 -2.56
CA ASP A 79 -3.66 -9.69 -1.13
C ASP A 79 -4.14 -8.30 -0.74
N ASP A 80 -3.87 -7.30 -1.57
CA ASP A 80 -4.38 -5.96 -1.31
C ASP A 80 -5.91 -6.02 -1.22
N ALA A 81 -6.54 -6.74 -2.15
CA ALA A 81 -8.00 -6.79 -2.20
C ALA A 81 -8.55 -7.41 -0.93
N LYS A 82 -7.87 -8.42 -0.39
CA LYS A 82 -8.33 -9.04 0.86
C LYS A 82 -8.27 -8.04 2.01
N THR A 83 -7.12 -7.37 2.14
CA THR A 83 -6.92 -6.40 3.22
C THR A 83 -7.91 -5.25 3.14
N ILE A 84 -8.07 -4.71 1.94
CA ILE A 84 -8.94 -3.57 1.71
C ILE A 84 -10.38 -3.94 2.00
N GLY A 85 -10.81 -5.11 1.54
CA GLY A 85 -12.18 -5.54 1.82
C GLY A 85 -12.48 -5.68 3.30
N ILE A 86 -11.53 -6.26 4.04
CA ILE A 86 -11.71 -6.39 5.48
C ILE A 86 -11.86 -5.02 6.14
N TRP A 87 -10.98 -4.08 5.81
CA TRP A 87 -11.04 -2.77 6.44
C TRP A 87 -12.34 -2.04 6.06
N LEU A 88 -12.68 -2.04 4.78
CA LEU A 88 -13.90 -1.35 4.37
C LEU A 88 -15.13 -1.99 5.04
N HIS A 89 -15.15 -3.33 5.10
CA HIS A 89 -16.29 -4.01 5.69
C HIS A 89 -16.43 -3.68 7.18
N GLU A 90 -15.32 -3.69 7.92
CA GLU A 90 -15.39 -3.58 9.38
C GLU A 90 -15.29 -2.17 9.95
N LYS A 91 -14.71 -1.24 9.18
CA LYS A 91 -14.36 0.08 9.73
C LYS A 91 -14.89 1.29 8.97
N PHE A 92 -15.20 1.16 7.69
CA PHE A 92 -15.52 2.36 6.89
C PHE A 92 -16.89 2.96 7.20
N SER B 16 22.73 8.52 -7.05
CA SER B 16 21.52 7.82 -6.53
C SER B 16 21.04 6.74 -7.49
N ASP B 17 20.68 5.58 -6.94
CA ASP B 17 20.20 4.48 -7.78
C ASP B 17 18.67 4.51 -7.96
N VAL B 18 18.04 5.61 -7.54
CA VAL B 18 16.62 5.84 -7.81
C VAL B 18 16.42 7.20 -8.51
N PRO B 19 15.41 7.31 -9.40
CA PRO B 19 15.17 8.58 -10.10
C PRO B 19 14.70 9.67 -9.16
N PRO B 20 14.89 10.94 -9.52
CA PRO B 20 14.27 12.00 -8.71
C PRO B 20 12.76 11.88 -8.84
N ALA B 21 12.03 12.33 -7.84
CA ALA B 21 10.56 12.26 -7.88
C ALA B 21 10.05 12.96 -9.15
N PRO B 22 9.21 12.27 -9.95
CA PRO B 22 8.66 12.94 -11.13
C PRO B 22 7.61 13.96 -10.73
N ALA B 23 7.25 14.83 -11.67
CA ALA B 23 6.19 15.80 -11.43
C ALA B 23 4.90 15.04 -11.10
N GLY B 24 4.24 15.47 -10.05
CA GLY B 24 3.01 14.83 -9.60
C GLY B 24 3.20 13.68 -8.61
N PHE B 25 4.44 13.38 -8.23
CA PHE B 25 4.65 12.33 -7.26
C PHE B 25 3.91 12.63 -5.95
N ASP B 26 3.23 11.62 -5.41
CA ASP B 26 2.46 11.83 -4.19
C ASP B 26 3.25 11.28 -3.00
N PHE B 27 3.94 12.17 -2.30
CA PHE B 27 4.78 11.73 -1.18
C PHE B 27 3.97 11.21 0.00
N ASP B 28 2.77 11.73 0.21
CA ASP B 28 1.93 11.29 1.32
C ASP B 28 1.44 9.84 1.13
N ALA B 29 1.00 9.52 -0.09
CA ALA B 29 0.62 8.16 -0.43
C ALA B 29 1.83 7.25 -0.36
N ALA B 30 2.99 7.74 -0.84
CA ALA B 30 4.20 6.92 -0.84
C ALA B 30 4.60 6.55 0.58
N LYS B 31 4.50 7.48 1.53
CA LYS B 31 4.82 7.17 2.92
CA LYS B 31 4.80 7.19 2.94
C LYS B 31 3.94 6.03 3.44
N LYS B 32 2.66 6.07 3.13
CA LYS B 32 1.73 5.04 3.57
C LYS B 32 2.07 3.68 2.94
N LEU B 33 2.46 3.69 1.68
CA LEU B 33 2.85 2.45 0.99
C LEU B 33 4.11 1.85 1.60
N VAL B 34 5.09 2.71 1.91
CA VAL B 34 6.30 2.26 2.60
C VAL B 34 5.93 1.66 3.97
N ASP B 35 5.06 2.35 4.70
CA ASP B 35 4.64 1.84 6.01
C ASP B 35 4.00 0.46 5.93
N VAL B 36 3.22 0.22 4.89
CA VAL B 36 2.60 -1.09 4.74
C VAL B 36 3.63 -2.12 4.30
N ARG B 37 4.37 -1.85 3.23
CA ARG B 37 5.23 -2.88 2.64
C ARG B 37 6.45 -3.20 3.49
N CYS B 38 6.96 -2.20 4.21
CA CYS B 38 8.23 -2.37 4.89
C CYS B 38 8.11 -2.69 6.38
N ASN B 39 6.89 -2.99 6.82
CA ASN B 39 6.63 -3.52 8.16
C ASN B 39 6.08 -4.93 8.16
N LYS B 40 6.10 -5.58 7.00
CA LYS B 40 5.47 -6.89 6.88
C LYS B 40 6.23 -8.01 7.54
N CYS B 41 7.55 -7.97 7.43
CA CYS B 41 8.40 -9.05 7.93
C CYS B 41 9.03 -8.56 9.21
N HIS B 42 9.97 -7.64 9.11
CA HIS B 42 10.53 -6.92 10.24
C HIS B 42 9.84 -5.57 10.35
N THR B 43 9.93 -4.93 11.52
CA THR B 43 9.44 -3.56 11.56
C THR B 43 10.40 -2.66 10.77
N LEU B 44 9.88 -1.58 10.20
CA LEU B 44 10.77 -0.61 9.58
C LEU B 44 11.65 0.05 10.65
N ASP B 45 11.09 0.24 11.85
CA ASP B 45 11.86 0.80 12.95
C ASP B 45 13.14 -0.01 13.21
N SER B 46 13.06 -1.33 13.06
CA SER B 46 14.19 -2.20 13.43
C SER B 46 15.40 -2.00 12.52
N VAL B 47 15.20 -1.43 11.32
CA VAL B 47 16.29 -1.17 10.38
C VAL B 47 16.45 0.31 10.03
N ALA B 48 15.68 1.18 10.70
CA ALA B 48 15.58 2.59 10.30
C ALA B 48 16.93 3.34 10.40
N ASP B 49 17.60 3.20 11.54
CA ASP B 49 18.84 3.94 11.72
C ASP B 49 19.92 3.43 10.77
N LEU B 50 19.99 2.12 10.62
CA LEU B 50 20.88 1.53 9.63
C LEU B 50 20.59 2.07 8.22
N PHE B 51 19.32 2.06 7.83
CA PHE B 51 18.99 2.47 6.50
C PHE B 51 19.33 3.94 6.25
N ARG B 52 18.97 4.80 7.19
CA ARG B 52 19.20 6.24 7.02
CA ARG B 52 19.18 6.24 7.03
C ARG B 52 20.68 6.57 6.96
N THR B 53 21.47 5.88 7.77
CA THR B 53 22.90 6.19 7.86
C THR B 53 23.74 5.49 6.79
N LYS B 54 23.30 4.34 6.28
CA LYS B 54 24.12 3.56 5.33
C LYS B 54 23.65 3.54 3.88
N TYR B 55 22.34 3.61 3.67
CA TYR B 55 21.79 3.37 2.33
C TYR B 55 21.12 4.58 1.70
N LYS B 56 20.43 5.37 2.51
CA LYS B 56 19.60 6.48 2.00
C LYS B 56 20.33 7.48 1.10
N LYS B 57 21.53 7.86 1.50
CA LYS B 57 22.25 8.95 0.83
C LYS B 57 23.54 8.47 0.18
N THR B 58 23.75 7.16 0.13
CA THR B 58 24.93 6.61 -0.51
C THR B 58 24.59 6.02 -1.89
N GLY B 59 23.39 6.29 -2.39
CA GLY B 59 22.99 5.78 -3.70
C GLY B 59 22.62 4.32 -3.71
N GLN B 60 22.15 3.79 -2.57
CA GLN B 60 21.91 2.37 -2.45
C GLN B 60 20.49 2.02 -2.00
N VAL B 61 19.59 2.97 -2.20
CA VAL B 61 18.19 2.72 -1.89
C VAL B 61 17.61 1.60 -2.74
N ASN B 62 17.85 1.64 -4.04
CA ASN B 62 17.24 0.63 -4.90
C ASN B 62 17.86 -0.74 -4.65
N LEU B 63 19.13 -0.79 -4.26
CA LEU B 63 19.74 -2.07 -3.85
C LEU B 63 18.87 -2.77 -2.81
N ILE B 64 18.51 -2.01 -1.78
CA ILE B 64 17.74 -2.53 -0.69
C ILE B 64 16.32 -2.86 -1.15
N VAL B 65 15.66 -1.91 -1.81
CA VAL B 65 14.27 -2.15 -2.19
C VAL B 65 14.14 -3.33 -3.14
N LYS B 66 15.03 -3.43 -4.13
CA LYS B 66 14.94 -4.56 -5.06
CA LYS B 66 15.02 -4.55 -5.09
C LYS B 66 15.24 -5.89 -4.38
N ARG B 67 16.15 -5.90 -3.41
CA ARG B 67 16.43 -7.13 -2.68
C ARG B 67 15.18 -7.56 -1.90
N MET B 68 14.57 -6.63 -1.18
CA MET B 68 13.37 -6.96 -0.41
C MET B 68 12.25 -7.42 -1.34
N GLN B 69 12.09 -6.72 -2.47
CA GLN B 69 11.06 -7.11 -3.43
C GLN B 69 11.22 -8.58 -3.86
N GLY B 70 12.46 -9.00 -4.08
CA GLY B 70 12.71 -10.35 -4.55
C GLY B 70 12.45 -11.45 -3.55
N PHE B 71 12.24 -11.12 -2.27
CA PHE B 71 12.00 -12.16 -1.30
C PHE B 71 10.61 -12.77 -1.47
N PRO B 72 10.49 -14.07 -1.27
CA PRO B 72 9.16 -14.70 -1.21
C PRO B 72 8.29 -13.98 -0.19
N GLY B 73 7.05 -13.70 -0.59
CA GLY B 73 6.10 -13.10 0.33
C GLY B 73 6.23 -11.59 0.52
N SER B 74 7.08 -10.94 -0.29
CA SER B 74 7.24 -9.49 -0.11
C SER B 74 5.97 -8.73 -0.50
N GLY B 75 5.26 -9.24 -1.50
CA GLY B 75 4.10 -8.56 -2.03
C GLY B 75 4.39 -7.22 -2.67
N ILE B 76 5.65 -6.96 -3.02
CA ILE B 76 6.05 -5.69 -3.62
C ILE B 76 6.05 -5.79 -5.14
N SER B 77 5.19 -5.00 -5.79
CA SER B 77 5.17 -4.98 -7.24
C SER B 77 6.29 -4.09 -7.77
N ASP B 78 6.58 -4.17 -9.07
CA ASP B 78 7.57 -3.26 -9.66
C ASP B 78 7.18 -1.79 -9.46
N ASP B 79 5.89 -1.49 -9.62
CA ASP B 79 5.43 -0.13 -9.43
C ASP B 79 5.51 0.30 -7.95
N ASP B 80 5.23 -0.61 -7.02
CA ASP B 80 5.43 -0.35 -5.59
C ASP B 80 6.91 -0.02 -5.35
N ALA B 81 7.81 -0.83 -5.93
CA ALA B 81 9.25 -0.66 -5.67
C ALA B 81 9.73 0.72 -6.11
N LYS B 82 9.19 1.21 -7.23
CA LYS B 82 9.57 2.54 -7.71
C LYS B 82 9.14 3.63 -6.73
N THR B 83 7.87 3.59 -6.31
CA THR B 83 7.33 4.55 -5.38
C THR B 83 8.08 4.53 -4.04
N ILE B 84 8.31 3.33 -3.53
CA ILE B 84 8.96 3.15 -2.26
C ILE B 84 10.37 3.71 -2.28
N GLY B 85 11.12 3.43 -3.34
CA GLY B 85 12.51 3.91 -3.45
C GLY B 85 12.58 5.43 -3.49
N ILE B 86 11.70 6.06 -4.24
CA ILE B 86 11.70 7.51 -4.31
C ILE B 86 11.45 8.12 -2.94
N TRP B 87 10.45 7.60 -2.22
CA TRP B 87 10.12 8.16 -0.90
C TRP B 87 11.23 7.92 0.13
N LEU B 88 11.76 6.70 0.18
CA LEU B 88 12.87 6.40 1.09
C LEU B 88 14.05 7.32 0.82
N HIS B 89 14.36 7.52 -0.45
CA HIS B 89 15.50 8.36 -0.79
CA HIS B 89 15.48 8.38 -0.84
C HIS B 89 15.28 9.81 -0.38
N GLU B 90 14.09 10.35 -0.64
CA GLU B 90 13.87 11.78 -0.44
C GLU B 90 13.34 12.21 0.93
N LYS B 91 12.70 11.29 1.65
CA LYS B 91 11.92 11.67 2.83
C LYS B 91 12.18 10.89 4.11
N PHE B 92 12.74 9.69 4.02
CA PHE B 92 12.76 8.81 5.19
C PHE B 92 13.61 9.32 6.36
#